data_6CMC
#
_entry.id   6CMC
#
_cell.length_a   133.938
_cell.length_b   133.938
_cell.length_c   122.671
_cell.angle_alpha   90.00
_cell.angle_beta   90.00
_cell.angle_gamma   120.00
#
_symmetry.space_group_name_H-M   'H 3'
#
loop_
_entity.id
_entity.type
_entity.pdbx_description
1 polymer 'Acid-sensing ion channel 1'
2 non-polymer 'CHLORIDE ION'
#
_entity_poly.entity_id   1
_entity_poly.type   'polypeptide(L)'
_entity_poly.pdbx_seq_one_letter_code
;GQPVSIQAFASSSTLHGISHIFSYERLSLKRVVWALCFMGSLALLALVCTNRIQYYFLYPHVTKLDEVAATRLTFPAVTF
CNLNEFRFSRVTKNDLYHAGELLALLNNRYEIPDTQTADEKQLEILQDKANFRNFKPKPFNMLEFYDRAGHDIREMLLSC
FFRGEQCSPEDFKVVFTRYGKCYTFNAGQDGKPRLITMKGGTGNGLEIMLDIQQDEYLPVWGETDETSFEAGIKVQIHSQ
DEPPLIDQLGFGVAPGFQTFVSCQEQRLIYLPPPWGDCKATTGDSEFYDTYSITACRIDCETRYLVENCNCRMVHMPGDA
PYCTPEQYKECADPALDFLVEKDNEYCVCEMPCNVTRYGKELSMVKIPSKASAKYLAKKYNKSEQYIGENILVLDIFFEA
LNYETIEQKKAYEVAGLLGDIGGQMGLFIGASILTVLELFDYAYEVIKHR
;
_entity_poly.pdbx_strand_id   A
#
# COMPACT_ATOMS: atom_id res chain seq x y z
N LEU A 29 0.25 40.65 66.39
CA LEU A 29 0.87 39.48 67.02
C LEU A 29 0.64 38.23 66.17
N LYS A 30 -0.22 37.33 66.66
CA LYS A 30 -0.50 36.09 65.94
C LYS A 30 -1.46 36.30 64.77
N ARG A 31 -2.24 37.37 64.78
CA ARG A 31 -3.14 37.64 63.64
C ARG A 31 -2.34 38.12 62.43
N VAL A 32 -1.32 38.94 62.66
CA VAL A 32 -0.52 39.51 61.59
C VAL A 32 0.70 38.65 61.24
N VAL A 33 0.98 37.63 62.04
CA VAL A 33 2.13 36.75 61.78
C VAL A 33 1.81 35.69 60.74
N TRP A 34 0.54 35.34 60.57
CA TRP A 34 0.13 34.38 59.55
C TRP A 34 -0.50 35.08 58.36
N ALA A 35 -0.31 36.39 58.28
CA ALA A 35 -0.52 37.13 57.04
C ALA A 35 0.73 37.00 56.20
N LEU A 36 1.89 36.85 56.85
CA LEU A 36 3.07 36.49 56.10
C LEU A 36 2.91 35.07 55.59
N CYS A 37 2.35 34.19 56.44
CA CYS A 37 1.96 32.86 55.99
C CYS A 37 1.02 32.99 54.79
N PHE A 38 0.22 34.06 54.77
CA PHE A 38 -0.66 34.32 53.63
C PHE A 38 0.17 34.67 52.40
N MET A 39 1.26 35.43 52.60
CA MET A 39 2.19 35.70 51.51
C MET A 39 2.74 34.40 50.93
N GLY A 40 3.08 33.46 51.80
CA GLY A 40 3.52 32.15 51.34
C GLY A 40 2.44 31.41 50.57
N SER A 41 1.19 31.48 51.05
CA SER A 41 0.08 30.87 50.33
C SER A 41 -0.08 31.46 48.93
N LEU A 42 0.10 32.78 48.80
CA LEU A 42 0.04 33.37 47.47
C LEU A 42 1.20 32.84 46.63
N ALA A 43 2.39 32.75 47.24
CA ALA A 43 3.55 32.31 46.49
C ALA A 43 3.31 30.92 45.91
N LEU A 44 2.65 30.06 46.69
CA LEU A 44 2.36 28.70 46.23
C LEU A 44 1.36 28.76 45.07
N LEU A 45 0.25 29.48 45.26
CA LEU A 45 -0.78 29.56 44.23
C LEU A 45 -0.20 29.99 42.89
N ALA A 46 0.74 30.94 42.90
CA ALA A 46 1.36 31.41 41.66
C ALA A 46 1.97 30.25 40.86
N LEU A 47 2.84 29.48 41.52
CA LEU A 47 3.54 28.37 40.86
C LEU A 47 2.58 27.29 40.38
N VAL A 48 1.57 26.97 41.17
CA VAL A 48 0.68 25.88 40.77
C VAL A 48 -0.22 26.31 39.62
N CYS A 49 -0.77 27.53 39.67
CA CYS A 49 -1.63 27.98 38.58
C CYS A 49 -0.82 28.16 37.30
N THR A 50 0.42 28.66 37.42
CA THR A 50 1.20 28.81 36.20
C THR A 50 1.60 27.43 35.67
N ASN A 51 1.47 26.41 36.52
CA ASN A 51 1.78 25.06 36.08
C ASN A 51 0.63 24.56 35.22
N ARG A 52 -0.60 24.62 35.75
CA ARG A 52 -1.71 24.12 34.95
C ARG A 52 -1.94 24.95 33.67
N ILE A 53 -1.44 26.18 33.63
CA ILE A 53 -1.70 26.97 32.43
C ILE A 53 -0.62 26.74 31.38
N GLN A 54 0.63 26.56 31.82
CA GLN A 54 1.65 26.14 30.85
C GLN A 54 1.27 24.78 30.30
N TYR A 55 0.82 23.88 31.18
CA TYR A 55 0.40 22.55 30.75
C TYR A 55 -0.70 22.68 29.70
N TYR A 56 -1.65 23.61 29.89
CA TYR A 56 -2.66 23.79 28.86
C TYR A 56 -2.01 24.22 27.55
N PHE A 57 -1.03 25.11 27.61
CA PHE A 57 -0.45 25.66 26.38
C PHE A 57 0.65 24.78 25.81
N LEU A 58 0.76 23.55 26.30
CA LEU A 58 1.56 22.52 25.64
C LEU A 58 0.70 21.70 24.69
N TYR A 59 -0.62 21.86 24.79
CA TYR A 59 -1.61 21.10 24.03
C TYR A 59 -1.42 19.58 24.08
N PRO A 60 -1.37 19.00 25.27
CA PRO A 60 -1.06 17.57 25.38
C PRO A 60 -2.22 16.72 24.88
N HIS A 61 -1.88 15.56 24.31
CA HIS A 61 -2.89 14.60 23.86
C HIS A 61 -2.56 13.23 24.43
N VAL A 62 -3.58 12.38 24.52
CA VAL A 62 -3.42 10.99 24.90
C VAL A 62 -4.06 10.10 23.85
N THR A 63 -4.02 8.78 24.09
CA THR A 63 -4.44 7.80 23.11
C THR A 63 -5.56 6.92 23.66
N LYS A 64 -6.55 6.66 22.81
CA LYS A 64 -7.68 5.77 23.10
C LYS A 64 -7.57 4.58 22.15
N LEU A 65 -7.14 3.43 22.67
CA LEU A 65 -6.91 2.24 21.86
C LEU A 65 -7.88 1.13 22.25
N ASP A 66 -8.71 0.69 21.31
CA ASP A 66 -9.69 -0.37 21.57
C ASP A 66 -9.51 -1.46 20.54
N GLU A 67 -8.98 -2.62 20.95
CA GLU A 67 -8.99 -3.81 20.12
C GLU A 67 -10.27 -4.59 20.42
N VAL A 68 -11.05 -4.89 19.37
CA VAL A 68 -12.34 -5.55 19.53
C VAL A 68 -12.61 -6.52 18.39
N ALA A 69 -13.47 -7.50 18.69
CA ALA A 69 -14.06 -8.36 17.67
C ALA A 69 -15.22 -7.55 17.11
N ALA A 70 -15.11 -7.13 15.86
CA ALA A 70 -16.12 -6.28 15.25
C ALA A 70 -17.26 -7.10 14.66
N THR A 71 -18.07 -6.42 13.85
CA THR A 71 -19.16 -6.97 13.06
C THR A 71 -19.35 -6.01 11.90
N ARG A 72 -20.00 -6.50 10.84
CA ARG A 72 -20.28 -5.68 9.66
C ARG A 72 -19.02 -4.94 9.18
N LEU A 73 -17.86 -5.56 9.41
CA LEU A 73 -16.60 -4.98 8.98
C LEU A 73 -16.49 -5.03 7.46
N THR A 74 -15.92 -3.98 6.87
CA THR A 74 -15.78 -3.90 5.42
C THR A 74 -14.49 -4.60 5.01
N PHE A 75 -14.60 -5.54 4.09
CA PHE A 75 -13.42 -6.25 3.62
C PHE A 75 -12.55 -5.34 2.75
N PRO A 76 -11.25 -5.27 3.01
CA PRO A 76 -10.38 -4.39 2.22
C PRO A 76 -10.24 -4.90 0.79
N ALA A 77 -9.58 -4.08 -0.02
CA ALA A 77 -9.23 -4.49 -1.38
C ALA A 77 -7.89 -5.21 -1.33
N VAL A 78 -7.73 -6.18 -2.22
CA VAL A 78 -6.51 -6.98 -2.28
C VAL A 78 -5.94 -6.94 -3.69
N THR A 79 -4.79 -6.30 -3.85
CA THR A 79 -4.13 -6.16 -5.15
C THR A 79 -2.99 -7.18 -5.20
N PHE A 80 -2.82 -7.82 -6.37
CA PHE A 80 -1.71 -8.73 -6.56
C PHE A 80 -1.19 -8.64 -7.98
N CYS A 81 0.08 -9.02 -8.13
CA CYS A 81 0.85 -8.89 -9.35
C CYS A 81 1.77 -10.09 -9.49
N ASN A 82 1.84 -10.65 -10.70
CA ASN A 82 2.87 -11.64 -10.96
C ASN A 82 4.24 -10.98 -11.01
N LEU A 83 5.27 -11.72 -10.57
CA LEU A 83 6.60 -11.13 -10.55
C LEU A 83 7.23 -11.10 -11.94
N ASN A 84 6.68 -11.87 -12.88
CA ASN A 84 7.08 -11.80 -14.28
C ASN A 84 6.11 -10.85 -15.00
N GLU A 85 6.65 -9.78 -15.57
CA GLU A 85 5.80 -8.70 -16.08
C GLU A 85 5.14 -9.06 -17.41
N PHE A 86 5.85 -9.78 -18.27
CA PHE A 86 5.37 -10.13 -19.60
C PHE A 86 5.36 -11.63 -19.77
N ARG A 87 4.54 -12.10 -20.71
CA ARG A 87 4.40 -13.53 -21.00
C ARG A 87 5.22 -13.87 -22.24
N PHE A 88 6.13 -14.83 -22.10
CA PHE A 88 7.07 -15.15 -23.17
C PHE A 88 6.37 -15.52 -24.47
N SER A 89 5.18 -16.11 -24.39
CA SER A 89 4.45 -16.51 -25.59
C SER A 89 3.72 -15.34 -26.26
N ARG A 90 3.52 -14.23 -25.55
CA ARG A 90 2.77 -13.10 -26.08
C ARG A 90 3.66 -11.99 -26.61
N VAL A 91 4.97 -12.08 -26.40
CA VAL A 91 5.91 -11.09 -26.89
C VAL A 91 6.07 -11.31 -28.40
N THR A 92 5.67 -10.31 -29.19
CA THR A 92 5.71 -10.39 -30.63
C THR A 92 7.01 -9.79 -31.17
N LYS A 93 7.20 -9.90 -32.49
CA LYS A 93 8.43 -9.41 -33.11
C LYS A 93 8.51 -7.89 -33.00
N ASN A 94 7.36 -7.21 -33.03
CA ASN A 94 7.35 -5.78 -32.84
C ASN A 94 7.57 -5.45 -31.37
N ASP A 95 6.95 -6.21 -30.47
CA ASP A 95 7.19 -6.05 -29.05
C ASP A 95 8.68 -6.23 -28.73
N LEU A 96 9.29 -7.26 -29.33
CA LEU A 96 10.71 -7.52 -29.11
C LEU A 96 11.56 -6.40 -29.69
N TYR A 97 11.16 -5.86 -30.84
CA TYR A 97 11.92 -4.79 -31.46
C TYR A 97 11.91 -3.54 -30.57
N HIS A 98 10.71 -3.07 -30.21
CA HIS A 98 10.60 -1.84 -29.42
C HIS A 98 11.17 -2.00 -28.02
N ALA A 99 10.90 -3.13 -27.36
CA ALA A 99 11.20 -3.29 -25.94
C ALA A 99 12.25 -4.33 -25.60
N GLY A 100 12.85 -5.01 -26.59
CA GLY A 100 13.77 -6.08 -26.28
C GLY A 100 14.97 -5.64 -25.46
N GLU A 101 15.38 -4.38 -25.59
CA GLU A 101 16.54 -3.91 -24.84
C GLU A 101 16.17 -3.63 -23.38
N LEU A 102 15.00 -3.02 -23.16
CA LEU A 102 14.50 -2.79 -21.82
C LEU A 102 14.41 -4.07 -21.01
N LEU A 103 14.18 -5.20 -21.68
CA LEU A 103 14.03 -6.50 -21.05
C LEU A 103 15.31 -7.31 -21.06
N ALA A 104 16.42 -6.70 -21.47
CA ALA A 104 17.72 -7.35 -21.56
C ALA A 104 17.70 -8.54 -22.50
N LEU A 105 16.79 -8.54 -23.47
CA LEU A 105 16.73 -9.61 -24.45
C LEU A 105 17.54 -9.29 -25.70
N LEU A 106 17.79 -8.01 -25.95
CA LEU A 106 18.62 -7.56 -27.05
C LEU A 106 19.66 -6.59 -26.51
N ASN A 107 20.84 -6.60 -27.11
CA ASN A 107 21.84 -5.60 -26.78
C ASN A 107 21.50 -4.28 -27.45
N ASN A 108 22.47 -3.40 -27.61
CA ASN A 108 22.22 -2.13 -28.27
C ASN A 108 22.19 -2.26 -29.80
N ARG A 109 22.66 -3.37 -30.34
CA ARG A 109 22.67 -3.61 -31.78
C ARG A 109 21.47 -4.45 -32.24
N TYR A 110 20.37 -4.43 -31.49
CA TYR A 110 19.14 -5.14 -31.84
C TYR A 110 19.37 -6.63 -32.11
N GLU A 111 20.31 -7.25 -31.40
CA GLU A 111 20.60 -8.67 -31.59
C GLU A 111 20.68 -9.35 -30.25
N ILE A 112 20.59 -10.68 -30.27
CA ILE A 112 20.74 -11.46 -29.05
C ILE A 112 22.13 -11.22 -28.45
N PRO A 113 22.23 -10.84 -27.17
CA PRO A 113 23.55 -10.68 -26.56
C PRO A 113 24.30 -12.01 -26.56
N ASP A 114 25.57 -11.97 -26.99
CA ASP A 114 26.33 -13.20 -27.06
C ASP A 114 26.52 -13.79 -25.67
N THR A 115 26.47 -12.95 -24.64
CA THR A 115 26.52 -13.41 -23.25
C THR A 115 25.11 -13.74 -22.74
N GLN A 116 24.40 -14.59 -23.49
CA GLN A 116 23.07 -15.04 -23.12
C GLN A 116 23.13 -16.39 -22.41
N THR A 117 22.19 -16.58 -21.48
CA THR A 117 22.04 -17.84 -20.76
C THR A 117 21.26 -18.79 -21.66
N ALA A 118 22.00 -19.43 -22.56
CA ALA A 118 21.41 -20.21 -23.63
C ALA A 118 20.42 -21.25 -23.13
N ASP A 119 19.34 -21.43 -23.88
CA ASP A 119 18.42 -22.55 -23.74
C ASP A 119 18.10 -23.03 -25.15
N GLU A 120 18.50 -24.26 -25.47
CA GLU A 120 18.38 -24.77 -26.84
C GLU A 120 16.98 -24.61 -27.42
N LYS A 121 15.95 -24.62 -26.57
CA LYS A 121 14.57 -24.46 -27.02
C LYS A 121 14.15 -22.99 -27.08
N GLN A 122 14.42 -22.23 -26.02
CA GLN A 122 14.03 -20.82 -25.98
C GLN A 122 14.82 -19.99 -26.98
N LEU A 123 16.14 -20.18 -27.05
CA LEU A 123 16.96 -19.35 -27.93
C LEU A 123 16.55 -19.48 -29.38
N GLU A 124 16.10 -20.67 -29.81
CA GLU A 124 15.62 -20.82 -31.18
C GLU A 124 14.42 -19.91 -31.43
N ILE A 125 13.50 -19.86 -30.46
CA ILE A 125 12.32 -19.04 -30.59
C ILE A 125 12.72 -17.57 -30.68
N LEU A 126 13.48 -17.09 -29.68
CA LEU A 126 13.79 -15.67 -29.63
C LEU A 126 14.57 -15.26 -30.88
N GLN A 127 15.61 -16.01 -31.25
CA GLN A 127 16.34 -15.59 -32.44
C GLN A 127 15.53 -15.80 -33.71
N ASP A 128 14.42 -16.54 -33.64
CA ASP A 128 13.50 -16.61 -34.76
C ASP A 128 12.70 -15.32 -34.87
N LYS A 129 12.25 -14.78 -33.73
CA LYS A 129 11.46 -13.55 -33.75
C LYS A 129 12.32 -12.32 -33.52
N ALA A 130 13.64 -12.50 -33.36
CA ALA A 130 14.58 -11.39 -33.35
C ALA A 130 15.17 -11.15 -34.73
N ASN A 131 14.75 -11.95 -35.72
CA ASN A 131 15.16 -11.82 -37.11
C ASN A 131 14.36 -10.67 -37.72
N PHE A 132 14.96 -9.49 -37.80
CA PHE A 132 14.29 -8.32 -38.32
C PHE A 132 14.62 -8.07 -39.79
N ARG A 133 15.07 -9.11 -40.49
CA ARG A 133 15.50 -8.97 -41.88
C ARG A 133 14.38 -8.37 -42.73
N ASN A 134 13.18 -8.94 -42.65
CA ASN A 134 12.02 -8.50 -43.40
C ASN A 134 11.05 -7.67 -42.56
N PHE A 135 11.51 -7.12 -41.44
CA PHE A 135 10.66 -6.49 -40.45
C PHE A 135 10.73 -4.97 -40.61
N LYS A 136 9.58 -4.32 -40.65
CA LYS A 136 9.51 -2.87 -40.52
C LYS A 136 8.71 -2.48 -39.29
N PRO A 137 9.29 -1.69 -38.37
CA PRO A 137 8.61 -1.31 -37.13
C PRO A 137 7.18 -0.80 -37.36
N LYS A 138 6.34 -1.05 -36.37
CA LYS A 138 4.93 -0.68 -36.35
C LYS A 138 4.66 0.10 -35.07
N PRO A 139 3.57 0.87 -35.02
CA PRO A 139 3.30 1.67 -33.81
C PRO A 139 3.28 0.81 -32.55
N PHE A 140 3.60 1.45 -31.43
CA PHE A 140 3.85 0.72 -30.19
C PHE A 140 3.76 1.68 -29.01
N ASN A 141 3.05 1.27 -27.97
CA ASN A 141 3.15 1.94 -26.68
C ASN A 141 3.16 0.90 -25.56
N MET A 142 3.74 1.31 -24.43
CA MET A 142 3.95 0.39 -23.32
C MET A 142 2.64 -0.07 -22.69
N LEU A 143 1.62 0.79 -22.65
CA LEU A 143 0.36 0.42 -22.00
C LEU A 143 -0.30 -0.76 -22.71
N GLU A 144 -0.32 -0.75 -24.04
CA GLU A 144 -0.91 -1.86 -24.78
C GLU A 144 -0.06 -3.12 -24.64
N PHE A 145 1.27 -2.94 -24.60
CA PHE A 145 2.18 -4.06 -24.41
C PHE A 145 1.90 -4.74 -23.07
N TYR A 146 1.84 -3.96 -21.99
CA TYR A 146 1.52 -4.51 -20.67
C TYR A 146 0.15 -5.19 -20.67
N ASP A 147 -0.87 -4.47 -21.17
CA ASP A 147 -2.23 -5.01 -21.16
C ASP A 147 -2.34 -6.32 -21.93
N ARG A 148 -1.59 -6.47 -23.02
CA ARG A 148 -1.67 -7.66 -23.87
C ARG A 148 -0.78 -8.79 -23.38
N ALA A 149 0.51 -8.52 -23.15
CA ALA A 149 1.43 -9.58 -22.75
C ALA A 149 1.38 -9.88 -21.26
N GLY A 150 0.84 -8.95 -20.47
CA GLY A 150 0.73 -9.17 -19.04
C GLY A 150 -0.06 -10.42 -18.72
N HIS A 151 0.26 -11.04 -17.58
CA HIS A 151 -0.40 -12.27 -17.22
C HIS A 151 -1.90 -12.01 -17.05
N ASP A 152 -2.71 -13.01 -17.35
CA ASP A 152 -4.15 -12.85 -17.40
C ASP A 152 -4.81 -13.52 -16.20
N ILE A 153 -5.68 -12.75 -15.53
CA ILE A 153 -6.42 -13.28 -14.38
C ILE A 153 -7.22 -14.51 -14.78
N ARG A 154 -7.66 -14.56 -16.04
CA ARG A 154 -8.57 -15.63 -16.47
C ARG A 154 -7.87 -16.98 -16.59
N GLU A 155 -6.53 -17.00 -16.72
CA GLU A 155 -5.80 -18.26 -16.74
C GLU A 155 -4.88 -18.47 -15.56
N MET A 156 -4.69 -17.47 -14.69
CA MET A 156 -3.95 -17.63 -13.45
C MET A 156 -4.82 -18.07 -12.29
N LEU A 157 -6.03 -17.53 -12.21
CA LEU A 157 -6.94 -17.78 -11.11
C LEU A 157 -7.54 -19.17 -11.22
N LEU A 158 -6.99 -20.10 -10.44
CA LEU A 158 -7.48 -21.47 -10.46
C LEU A 158 -8.64 -21.66 -9.50
N SER A 159 -8.78 -20.78 -8.51
CA SER A 159 -9.88 -20.92 -7.56
C SER A 159 -9.99 -19.67 -6.71
N CYS A 160 -11.20 -19.16 -6.51
CA CYS A 160 -11.38 -18.02 -5.62
C CYS A 160 -12.66 -18.29 -4.84
N PHE A 161 -12.61 -18.08 -3.53
CA PHE A 161 -13.79 -18.20 -2.69
C PHE A 161 -13.75 -17.08 -1.67
N PHE A 162 -14.89 -16.41 -1.48
CA PHE A 162 -15.03 -15.43 -0.42
C PHE A 162 -16.24 -15.80 0.42
N ARG A 163 -16.01 -16.09 1.71
CA ARG A 163 -17.07 -16.42 2.66
C ARG A 163 -18.02 -17.48 2.11
N GLY A 164 -17.47 -18.49 1.44
CA GLY A 164 -18.26 -19.59 0.92
C GLY A 164 -18.71 -19.42 -0.51
N GLU A 165 -18.69 -18.21 -1.04
CA GLU A 165 -19.08 -17.95 -2.42
C GLU A 165 -17.83 -17.93 -3.30
N GLN A 166 -17.96 -18.49 -4.50
CA GLN A 166 -16.84 -18.58 -5.42
C GLN A 166 -16.76 -17.30 -6.24
N CYS A 167 -15.55 -16.87 -6.55
CA CYS A 167 -15.36 -15.66 -7.33
C CYS A 167 -15.08 -16.04 -8.77
N SER A 168 -15.11 -15.03 -9.64
CA SER A 168 -14.72 -15.18 -11.03
C SER A 168 -13.79 -14.01 -11.34
N PRO A 169 -13.18 -14.00 -12.52
CA PRO A 169 -12.42 -12.79 -12.91
C PRO A 169 -13.25 -11.53 -12.91
N GLU A 170 -14.57 -11.65 -13.06
CA GLU A 170 -15.46 -10.50 -12.98
C GLU A 170 -15.30 -9.77 -11.64
N ASP A 171 -14.89 -10.48 -10.58
CA ASP A 171 -14.76 -9.88 -9.27
C ASP A 171 -13.39 -9.23 -9.05
N PHE A 172 -12.52 -9.28 -10.04
CA PHE A 172 -11.18 -8.70 -9.96
C PHE A 172 -11.08 -7.55 -10.96
N LYS A 173 -10.73 -6.37 -10.46
CA LYS A 173 -10.63 -5.18 -11.31
C LYS A 173 -9.20 -5.03 -11.78
N VAL A 174 -9.02 -4.73 -13.06
CA VAL A 174 -7.68 -4.58 -13.60
C VAL A 174 -7.09 -3.26 -13.13
N VAL A 175 -5.90 -3.32 -12.54
CA VAL A 175 -5.16 -2.15 -12.10
C VAL A 175 -3.72 -2.32 -12.57
N PHE A 176 -3.12 -1.25 -13.06
CA PHE A 176 -1.75 -1.26 -13.56
C PHE A 176 -0.79 -0.75 -12.49
N THR A 177 0.27 -1.50 -12.25
CA THR A 177 1.30 -1.06 -11.31
C THR A 177 2.65 -1.09 -12.04
N ARG A 178 3.74 -0.87 -11.28
CA ARG A 178 5.05 -0.94 -11.90
C ARG A 178 5.40 -2.37 -12.29
N TYR A 179 4.61 -3.33 -11.81
CA TYR A 179 4.75 -4.73 -12.18
C TYR A 179 4.07 -5.01 -13.51
N GLY A 180 3.08 -4.18 -13.86
CA GLY A 180 2.34 -4.36 -15.10
C GLY A 180 0.85 -4.53 -14.88
N LYS A 181 0.27 -5.52 -15.56
CA LYS A 181 -1.16 -5.80 -15.45
C LYS A 181 -1.40 -6.58 -14.17
N CYS A 182 -2.08 -5.95 -13.22
CA CYS A 182 -2.33 -6.52 -11.92
C CYS A 182 -3.82 -6.49 -11.61
N TYR A 183 -4.21 -7.11 -10.51
CA TYR A 183 -5.64 -7.29 -10.26
C TYR A 183 -5.97 -6.96 -8.80
N THR A 184 -7.15 -6.39 -8.59
CA THR A 184 -7.62 -6.05 -7.26
C THR A 184 -8.97 -6.70 -6.99
N PHE A 185 -9.01 -7.62 -6.03
CA PHE A 185 -10.26 -8.18 -5.56
C PHE A 185 -10.91 -7.23 -4.56
N ASN A 186 -12.24 -7.11 -4.66
CA ASN A 186 -13.04 -6.24 -3.79
C ASN A 186 -12.55 -4.80 -3.87
N ALA A 187 -12.30 -4.34 -5.09
CA ALA A 187 -11.89 -2.96 -5.33
C ALA A 187 -12.95 -1.96 -4.88
N GLY A 188 -14.21 -2.38 -4.84
CA GLY A 188 -15.29 -1.61 -4.30
C GLY A 188 -15.84 -0.58 -5.25
N GLN A 189 -15.16 -0.33 -6.37
CA GLN A 189 -15.67 0.55 -7.42
C GLN A 189 -16.73 -0.23 -8.20
N ASP A 190 -17.08 0.24 -9.39
CA ASP A 190 -18.04 -0.44 -10.26
C ASP A 190 -19.43 -0.55 -9.66
N GLY A 191 -19.71 0.23 -8.61
CA GLY A 191 -20.99 0.16 -7.94
C GLY A 191 -21.25 -1.18 -7.28
N LYS A 192 -20.29 -2.09 -7.38
CA LYS A 192 -20.38 -3.39 -6.73
C LYS A 192 -20.32 -3.21 -5.22
N PRO A 193 -21.35 -3.61 -4.47
CA PRO A 193 -21.34 -3.41 -3.01
C PRO A 193 -20.14 -4.10 -2.38
N ARG A 194 -19.30 -3.31 -1.72
CA ARG A 194 -18.11 -3.87 -1.07
C ARG A 194 -18.52 -5.00 -0.14
N LEU A 195 -17.62 -5.97 0.02
CA LEU A 195 -17.93 -7.16 0.79
C LEU A 195 -17.63 -6.88 2.26
N ILE A 196 -18.34 -7.59 3.12
CA ILE A 196 -18.17 -7.42 4.56
C ILE A 196 -17.69 -8.71 5.20
N THR A 197 -17.28 -8.58 6.46
CA THR A 197 -16.74 -9.66 7.25
C THR A 197 -17.31 -9.55 8.65
N MET A 198 -17.57 -10.69 9.29
CA MET A 198 -18.26 -10.71 10.56
C MET A 198 -17.41 -11.29 11.66
N LYS A 199 -16.82 -12.47 11.46
CA LYS A 199 -16.07 -13.18 12.49
C LYS A 199 -14.59 -13.24 12.11
N GLY A 200 -13.83 -13.96 12.92
CA GLY A 200 -12.44 -14.22 12.64
C GLY A 200 -12.29 -15.62 12.10
N GLY A 201 -11.23 -15.84 11.31
CA GLY A 201 -11.04 -17.17 10.77
C GLY A 201 -11.02 -17.30 9.26
N THR A 202 -10.53 -18.43 8.76
CA THR A 202 -10.32 -18.59 7.32
C THR A 202 -11.65 -18.55 6.57
N GLY A 203 -12.72 -19.06 7.17
CA GLY A 203 -13.98 -19.19 6.45
C GLY A 203 -14.67 -17.88 6.19
N ASN A 204 -14.18 -16.80 6.79
CA ASN A 204 -14.80 -15.48 6.74
C ASN A 204 -13.96 -14.50 5.92
N GLY A 205 -13.26 -15.03 4.92
CA GLY A 205 -12.36 -14.29 4.07
C GLY A 205 -12.13 -14.90 2.70
N LEU A 206 -11.01 -14.58 2.07
CA LEU A 206 -10.73 -14.97 0.70
C LEU A 206 -9.75 -16.14 0.70
N GLU A 207 -9.95 -17.04 -0.25
CA GLU A 207 -8.98 -18.10 -0.53
C GLU A 207 -8.89 -18.24 -2.04
N ILE A 208 -7.68 -18.17 -2.59
CA ILE A 208 -7.50 -18.33 -4.03
C ILE A 208 -6.34 -19.27 -4.33
N MET A 209 -6.51 -20.10 -5.36
CA MET A 209 -5.43 -20.93 -5.86
C MET A 209 -5.00 -20.34 -7.18
N LEU A 210 -3.69 -20.18 -7.34
CA LEU A 210 -3.07 -19.54 -8.50
C LEU A 210 -1.97 -20.42 -9.09
N ASP A 211 -1.83 -20.28 -10.41
CA ASP A 211 -0.72 -20.78 -11.20
C ASP A 211 0.13 -19.61 -11.67
N ILE A 212 1.38 -19.54 -11.20
CA ILE A 212 2.24 -18.42 -11.58
C ILE A 212 2.85 -18.58 -12.96
N GLN A 213 2.77 -19.78 -13.53
CA GLN A 213 3.15 -20.06 -14.92
C GLN A 213 4.63 -19.79 -15.20
N GLN A 214 5.50 -20.49 -14.47
CA GLN A 214 6.93 -20.32 -14.70
C GLN A 214 7.33 -20.69 -16.12
N ASP A 215 6.49 -21.43 -16.84
CA ASP A 215 6.77 -21.79 -18.22
C ASP A 215 6.55 -20.63 -19.16
N GLU A 216 6.01 -19.52 -18.66
CA GLU A 216 5.76 -18.33 -19.45
C GLU A 216 6.63 -17.17 -19.01
N TYR A 217 7.49 -17.39 -18.00
CA TYR A 217 8.39 -16.35 -17.54
C TYR A 217 9.38 -16.03 -18.65
N LEU A 218 9.64 -14.75 -18.88
CA LEU A 218 10.63 -14.40 -19.89
C LEU A 218 12.04 -14.73 -19.40
N PRO A 219 12.91 -15.19 -20.31
CA PRO A 219 14.32 -15.42 -19.95
C PRO A 219 14.92 -14.16 -19.34
N VAL A 220 15.73 -14.36 -18.30
CA VAL A 220 16.45 -13.26 -17.68
C VAL A 220 17.90 -13.38 -18.10
N TRP A 221 18.36 -12.45 -18.93
CA TRP A 221 19.71 -12.43 -19.46
C TRP A 221 20.53 -11.29 -18.88
N GLY A 222 19.88 -10.35 -18.22
CA GLY A 222 20.53 -9.23 -17.58
C GLY A 222 19.62 -8.72 -16.48
N GLU A 223 20.05 -7.65 -15.83
CA GLU A 223 19.32 -7.07 -14.71
C GLU A 223 18.72 -5.73 -15.11
N THR A 224 17.39 -5.65 -15.06
CA THR A 224 16.66 -4.41 -15.31
C THR A 224 15.56 -4.28 -14.26
N ASP A 225 14.80 -3.19 -14.33
CA ASP A 225 13.71 -2.95 -13.40
C ASP A 225 12.43 -3.66 -13.80
N GLU A 226 12.47 -4.45 -14.87
CA GLU A 226 11.30 -5.15 -15.38
C GLU A 226 11.44 -6.66 -15.27
N THR A 227 12.64 -7.16 -15.10
CA THR A 227 12.93 -8.56 -14.92
C THR A 227 13.23 -8.85 -13.46
N SER A 228 13.08 -10.10 -13.06
CA SER A 228 13.25 -10.48 -11.67
C SER A 228 13.88 -11.87 -11.62
N PHE A 229 14.55 -12.14 -10.51
CA PHE A 229 15.16 -13.44 -10.29
C PHE A 229 14.23 -14.39 -9.55
N GLU A 230 13.12 -13.89 -9.05
CA GLU A 230 12.21 -14.62 -8.17
C GLU A 230 10.93 -15.04 -8.89
N ALA A 231 10.41 -16.18 -8.48
CA ALA A 231 9.12 -16.68 -8.94
C ALA A 231 8.13 -16.54 -7.78
N GLY A 232 6.91 -16.15 -8.10
CA GLY A 232 5.87 -15.97 -7.10
C GLY A 232 5.01 -14.79 -7.45
N ILE A 233 4.31 -14.25 -6.45
CA ILE A 233 3.48 -13.06 -6.66
C ILE A 233 3.70 -12.05 -5.53
N LYS A 234 3.29 -10.80 -5.81
CA LYS A 234 3.29 -9.72 -4.84
C LYS A 234 1.86 -9.36 -4.51
N VAL A 235 1.58 -9.12 -3.22
CA VAL A 235 0.24 -8.79 -2.75
C VAL A 235 0.31 -7.54 -1.86
N GLN A 236 -0.77 -6.75 -1.88
CA GLN A 236 -0.90 -5.61 -0.99
C GLN A 236 -2.37 -5.46 -0.63
N ILE A 237 -2.64 -5.32 0.66
CA ILE A 237 -3.99 -5.19 1.20
C ILE A 237 -4.21 -3.73 1.59
N HIS A 238 -5.24 -3.10 1.03
CA HIS A 238 -5.41 -1.68 1.27
C HIS A 238 -6.88 -1.32 1.29
N SER A 239 -7.17 -0.08 1.69
CA SER A 239 -8.52 0.44 1.65
C SER A 239 -8.98 0.53 0.20
N GLN A 240 -10.30 0.42 -0.01
CA GLN A 240 -10.83 0.56 -1.35
C GLN A 240 -10.53 1.94 -1.92
N ASP A 241 -10.44 2.95 -1.05
CA ASP A 241 -10.17 4.33 -1.45
C ASP A 241 -8.75 4.74 -1.05
N GLU A 242 -7.80 3.81 -1.16
CA GLU A 242 -6.37 4.06 -1.04
C GLU A 242 -5.71 3.32 -2.19
N PRO A 243 -4.86 3.98 -2.96
CA PRO A 243 -4.21 3.30 -4.09
C PRO A 243 -3.12 2.36 -3.63
N PRO A 244 -2.73 1.40 -4.46
CA PRO A 244 -1.66 0.47 -4.10
C PRO A 244 -0.27 0.99 -4.40
N LEU A 245 0.68 0.60 -3.54
CA LEU A 245 2.09 0.86 -3.79
C LEU A 245 2.83 -0.47 -3.71
N ILE A 246 2.35 -1.45 -4.48
CA ILE A 246 2.75 -2.82 -4.30
C ILE A 246 4.24 -3.03 -4.52
N ASP A 247 4.89 -2.14 -5.29
CA ASP A 247 6.32 -2.30 -5.52
C ASP A 247 7.10 -2.13 -4.22
N GLN A 248 6.70 -1.16 -3.39
CA GLN A 248 7.44 -0.79 -2.19
C GLN A 248 6.87 -1.43 -0.92
N LEU A 249 5.54 -1.50 -0.79
CA LEU A 249 4.91 -1.82 0.48
C LEU A 249 4.31 -3.21 0.54
N GLY A 250 4.31 -3.97 -0.55
CA GLY A 250 3.65 -5.25 -0.57
C GLY A 250 4.50 -6.36 0.01
N PHE A 251 3.89 -7.53 0.14
CA PHE A 251 4.58 -8.74 0.58
C PHE A 251 4.51 -9.79 -0.51
N GLY A 252 5.42 -10.76 -0.45
CA GLY A 252 5.48 -11.79 -1.46
C GLY A 252 4.83 -13.10 -1.03
N VAL A 253 4.49 -13.91 -2.03
CA VAL A 253 3.97 -15.26 -1.83
C VAL A 253 4.69 -16.16 -2.82
N ALA A 254 5.28 -17.25 -2.31
CA ALA A 254 6.11 -18.24 -2.97
C ALA A 254 5.27 -19.37 -3.57
N PRO A 255 5.68 -19.90 -4.72
CA PRO A 255 4.97 -21.05 -5.29
C PRO A 255 5.32 -22.32 -4.55
N GLY A 256 4.33 -23.21 -4.44
CA GLY A 256 4.52 -24.45 -3.73
C GLY A 256 4.23 -24.35 -2.25
N PHE A 257 3.45 -23.36 -1.84
CA PHE A 257 3.01 -23.21 -0.47
C PHE A 257 1.56 -22.74 -0.46
N GLN A 258 0.89 -22.97 0.66
CA GLN A 258 -0.34 -22.30 1.02
C GLN A 258 -0.01 -21.32 2.13
N THR A 259 -0.28 -20.04 1.91
CA THR A 259 0.06 -18.99 2.86
C THR A 259 -1.20 -18.45 3.54
N PHE A 260 -1.16 -18.38 4.86
CA PHE A 260 -2.22 -17.83 5.68
C PHE A 260 -1.79 -16.45 6.13
N VAL A 261 -2.66 -15.47 5.90
CA VAL A 261 -2.45 -14.09 6.34
C VAL A 261 -3.58 -13.72 7.29
N SER A 262 -3.28 -13.70 8.58
CA SER A 262 -4.28 -13.35 9.58
C SER A 262 -4.16 -11.85 9.79
N CYS A 263 -5.24 -11.12 9.54
CA CYS A 263 -5.16 -9.67 9.49
C CYS A 263 -5.90 -9.04 10.66
N GLN A 264 -5.75 -7.71 10.75
CA GLN A 264 -6.42 -6.92 11.77
C GLN A 264 -6.53 -5.50 11.25
N GLU A 265 -7.75 -4.96 11.23
CA GLU A 265 -7.97 -3.61 10.72
C GLU A 265 -7.70 -2.62 11.85
N GLN A 266 -6.78 -1.69 11.60
CA GLN A 266 -6.38 -0.68 12.57
C GLN A 266 -6.73 0.68 12.01
N ARG A 267 -7.71 1.35 12.62
CA ARG A 267 -8.11 2.69 12.24
C ARG A 267 -7.39 3.68 13.14
N LEU A 268 -6.59 4.56 12.53
CA LEU A 268 -5.82 5.56 13.25
C LEU A 268 -6.40 6.93 12.99
N ILE A 269 -6.73 7.64 14.06
CA ILE A 269 -7.38 8.95 13.99
C ILE A 269 -6.51 9.94 14.73
N TYR A 270 -6.07 10.99 14.04
CA TYR A 270 -5.16 11.98 14.61
C TYR A 270 -5.90 13.29 14.82
N LEU A 271 -5.25 14.17 15.58
CA LEU A 271 -5.83 15.47 15.88
C LEU A 271 -5.29 16.56 14.95
N PRO A 272 -6.14 17.48 14.52
CA PRO A 272 -5.70 18.58 13.66
C PRO A 272 -4.90 19.58 14.47
N PRO A 273 -4.24 20.55 13.84
CA PRO A 273 -3.59 21.60 14.61
C PRO A 273 -4.59 22.35 15.43
N PRO A 274 -4.18 22.90 16.60
CA PRO A 274 -2.81 22.97 17.12
C PRO A 274 -2.31 21.73 17.86
N TRP A 275 -3.12 20.67 17.97
CA TRP A 275 -2.68 19.51 18.75
C TRP A 275 -1.72 18.62 17.98
N GLY A 276 -1.79 18.61 16.65
CA GLY A 276 -0.88 17.80 15.87
C GLY A 276 -0.96 18.15 14.40
N ASP A 277 0.09 17.79 13.67
CA ASP A 277 0.09 17.94 12.22
C ASP A 277 -0.76 16.83 11.62
N CYS A 278 -1.84 17.20 10.95
CA CYS A 278 -2.79 16.17 10.53
C CYS A 278 -3.57 16.78 9.37
N LYS A 279 -3.68 16.06 8.26
CA LYS A 279 -4.33 16.57 7.07
C LYS A 279 -5.70 15.94 6.90
N ALA A 280 -6.69 16.77 6.56
CA ALA A 280 -8.06 16.30 6.35
C ALA A 280 -8.11 15.34 5.19
N THR A 281 -8.72 14.17 5.43
CA THR A 281 -8.74 13.09 4.45
C THR A 281 -9.56 13.43 3.22
N THR A 282 -10.54 14.32 3.34
CA THR A 282 -11.21 14.84 2.14
C THR A 282 -10.29 15.85 1.45
N GLY A 283 -9.05 15.43 1.24
CA GLY A 283 -8.01 16.36 0.80
C GLY A 283 -8.24 16.82 -0.63
N ASP A 284 -8.25 18.14 -0.83
CA ASP A 284 -8.29 18.75 -2.16
C ASP A 284 -6.96 18.51 -2.85
N SER A 285 -6.64 17.25 -3.20
CA SER A 285 -5.29 16.87 -3.62
C SER A 285 -5.25 15.98 -4.87
N GLU A 286 -5.48 16.62 -6.01
CA GLU A 286 -5.24 16.12 -7.37
C GLU A 286 -5.81 14.72 -7.65
N PHE A 287 -5.03 13.84 -8.30
CA PHE A 287 -5.43 12.64 -9.04
C PHE A 287 -6.42 11.71 -8.36
N TYR A 288 -6.56 11.75 -7.03
CA TYR A 288 -7.48 10.82 -6.39
C TYR A 288 -8.48 11.54 -5.50
N ASP A 289 -9.60 10.90 -5.27
CA ASP A 289 -10.71 11.48 -4.54
C ASP A 289 -10.49 11.48 -3.03
N THR A 290 -9.48 10.74 -2.55
CA THR A 290 -9.19 10.62 -1.13
C THR A 290 -7.72 10.93 -0.93
N TYR A 291 -7.40 11.61 0.16
CA TYR A 291 -6.01 11.85 0.52
C TYR A 291 -5.45 10.71 1.34
N SER A 292 -4.36 10.12 0.86
CA SER A 292 -3.63 9.09 1.59
C SER A 292 -2.15 9.27 1.28
N ILE A 293 -1.31 8.70 2.14
CA ILE A 293 0.13 8.80 1.93
C ILE A 293 0.51 8.26 0.55
N THR A 294 -0.02 7.08 0.21
CA THR A 294 0.32 6.45 -1.05
C THR A 294 -0.11 7.30 -2.24
N ALA A 295 -1.33 7.85 -2.20
CA ALA A 295 -1.80 8.70 -3.28
C ALA A 295 -0.95 9.95 -3.41
N CYS A 296 -0.56 10.55 -2.28
CA CYS A 296 0.30 11.72 -2.33
C CYS A 296 1.64 11.39 -3.00
N ARG A 297 2.17 10.20 -2.69
CA ARG A 297 3.42 9.78 -3.31
C ARG A 297 3.24 9.60 -4.82
N ILE A 298 2.18 8.90 -5.22
CA ILE A 298 1.97 8.66 -6.66
C ILE A 298 1.76 9.98 -7.40
N ASP A 299 1.04 10.91 -6.77
CA ASP A 299 0.87 12.26 -7.33
C ASP A 299 2.22 12.90 -7.62
N CYS A 300 3.02 13.08 -6.58
CA CYS A 300 4.32 13.72 -6.74
C CYS A 300 5.21 12.97 -7.73
N GLU A 301 5.21 11.64 -7.69
CA GLU A 301 6.05 10.89 -8.61
C GLU A 301 5.64 11.18 -10.04
N THR A 302 4.34 11.38 -10.27
CA THR A 302 3.84 11.67 -11.60
C THR A 302 4.29 13.06 -12.03
N ARG A 303 4.07 14.07 -11.17
CA ARG A 303 4.57 15.41 -11.46
C ARG A 303 6.05 15.38 -11.80
N TYR A 304 6.84 14.69 -10.98
CA TYR A 304 8.29 14.63 -11.16
C TYR A 304 8.66 14.04 -12.51
N LEU A 305 8.03 12.91 -12.88
CA LEU A 305 8.39 12.28 -14.14
C LEU A 305 7.95 13.11 -15.33
N VAL A 306 6.77 13.71 -15.27
CA VAL A 306 6.33 14.59 -16.35
C VAL A 306 7.29 15.77 -16.50
N GLU A 307 7.62 16.40 -15.38
CA GLU A 307 8.54 17.55 -15.38
C GLU A 307 9.91 17.18 -15.95
N ASN A 308 10.49 16.06 -15.53
CA ASN A 308 11.88 15.80 -15.88
C ASN A 308 12.02 14.96 -17.16
N CYS A 309 10.94 14.36 -17.65
CA CYS A 309 11.03 13.48 -18.80
C CYS A 309 10.00 13.76 -19.89
N ASN A 310 9.00 14.61 -19.63
CA ASN A 310 7.93 14.86 -20.58
C ASN A 310 7.23 13.55 -20.94
N CYS A 311 6.91 12.78 -19.90
CA CYS A 311 6.68 11.36 -20.13
C CYS A 311 6.07 10.81 -18.84
N ARG A 312 5.04 9.98 -18.96
CA ARG A 312 4.50 9.25 -17.81
C ARG A 312 4.64 7.75 -17.97
N MET A 313 4.90 7.07 -16.86
CA MET A 313 4.94 5.62 -16.85
C MET A 313 3.54 5.05 -16.96
N VAL A 314 3.46 3.77 -17.35
CA VAL A 314 2.17 3.17 -17.70
C VAL A 314 1.20 3.21 -16.52
N HIS A 315 1.71 3.13 -15.30
CA HIS A 315 0.88 3.06 -14.11
C HIS A 315 0.55 4.41 -13.50
N MET A 316 1.07 5.49 -14.05
CA MET A 316 0.84 6.79 -13.43
C MET A 316 -0.41 7.47 -13.99
N PRO A 317 -1.09 8.27 -13.16
CA PRO A 317 -2.32 8.94 -13.62
C PRO A 317 -2.00 10.21 -14.40
N GLY A 318 -3.01 10.97 -14.78
CA GLY A 318 -2.80 12.17 -15.54
C GLY A 318 -3.03 11.96 -17.02
N ASP A 319 -2.40 12.83 -17.82
CA ASP A 319 -2.67 12.83 -19.25
C ASP A 319 -1.42 13.06 -20.08
N ALA A 320 -0.23 12.86 -19.50
CA ALA A 320 1.01 12.99 -20.25
C ALA A 320 1.09 11.82 -21.23
N PRO A 321 2.00 11.85 -22.20
CA PRO A 321 2.17 10.69 -23.06
C PRO A 321 2.93 9.59 -22.33
N TYR A 322 2.54 8.35 -22.58
CA TYR A 322 3.26 7.21 -22.00
C TYR A 322 4.68 7.15 -22.54
N CYS A 323 5.59 6.64 -21.71
CA CYS A 323 6.97 6.52 -22.14
C CYS A 323 7.19 5.42 -23.17
N THR A 324 8.04 5.73 -24.13
CA THR A 324 8.53 4.77 -25.09
C THR A 324 9.60 3.93 -24.39
N PRO A 325 9.86 2.71 -24.89
CA PRO A 325 10.91 1.91 -24.26
C PRO A 325 12.21 2.67 -24.06
N GLU A 326 12.56 3.55 -25.01
CA GLU A 326 13.78 4.34 -24.83
C GLU A 326 13.64 5.33 -23.69
N GLN A 327 12.45 5.94 -23.54
CA GLN A 327 12.23 6.84 -22.42
C GLN A 327 12.21 6.08 -21.09
N TYR A 328 11.62 4.88 -21.09
CA TYR A 328 11.67 4.04 -19.89
C TYR A 328 13.11 3.75 -19.49
N LYS A 329 13.91 3.25 -20.43
CA LYS A 329 15.28 2.84 -20.14
C LYS A 329 16.18 4.02 -19.77
N GLU A 330 15.95 5.18 -20.38
CA GLU A 330 16.88 6.28 -20.20
C GLU A 330 16.46 7.32 -19.16
N CYS A 331 15.17 7.55 -18.96
CA CYS A 331 14.83 8.69 -18.12
C CYS A 331 13.85 8.30 -17.00
N ALA A 332 12.72 7.70 -17.37
CA ALA A 332 11.64 7.42 -16.43
C ALA A 332 12.09 6.49 -15.31
N ASP A 333 12.69 5.34 -15.67
CA ASP A 333 13.11 4.36 -14.69
C ASP A 333 14.08 4.94 -13.65
N PRO A 334 15.22 5.51 -14.02
CA PRO A 334 16.11 6.04 -12.97
C PRO A 334 15.46 7.17 -12.19
N ALA A 335 14.52 7.90 -12.81
CA ALA A 335 13.79 8.94 -12.09
C ALA A 335 12.98 8.34 -10.95
N LEU A 336 12.29 7.22 -11.21
CA LEU A 336 11.48 6.63 -10.15
C LEU A 336 12.36 5.92 -9.13
N ASP A 337 13.39 5.20 -9.59
CA ASP A 337 14.32 4.62 -8.64
C ASP A 337 14.90 5.68 -7.72
N PHE A 338 15.22 6.85 -8.27
CA PHE A 338 15.73 7.94 -7.44
C PHE A 338 14.68 8.37 -6.41
N LEU A 339 13.43 8.51 -6.84
CA LEU A 339 12.39 8.98 -5.92
C LEU A 339 12.14 7.98 -4.79
N VAL A 340 12.15 6.67 -5.10
CA VAL A 340 11.83 5.67 -4.09
C VAL A 340 13.06 5.14 -3.36
N GLU A 341 14.26 5.58 -3.73
CA GLU A 341 15.48 5.12 -3.09
C GLU A 341 16.29 6.25 -2.47
N LYS A 342 16.65 7.27 -3.26
CA LYS A 342 17.59 8.28 -2.81
C LYS A 342 16.97 9.58 -2.31
N ASP A 343 15.85 10.02 -2.89
CA ASP A 343 15.27 11.32 -2.55
C ASP A 343 15.04 11.49 -1.05
N ASN A 344 15.44 12.65 -0.53
CA ASN A 344 15.27 12.99 0.87
C ASN A 344 14.53 14.29 1.12
N GLU A 345 14.15 15.05 0.08
CA GLU A 345 13.60 16.37 0.32
C GLU A 345 12.54 16.77 -0.70
N TYR A 346 12.63 16.24 -1.93
CA TYR A 346 11.73 16.70 -2.98
C TYR A 346 10.31 16.25 -2.68
N CYS A 347 10.16 14.96 -2.40
CA CYS A 347 8.87 14.31 -2.21
C CYS A 347 8.72 13.76 -0.79
N VAL A 348 7.99 14.51 0.03
CA VAL A 348 7.62 14.09 1.37
C VAL A 348 6.16 14.51 1.61
N CYS A 349 5.42 13.68 2.34
CA CYS A 349 3.98 13.84 2.48
C CYS A 349 3.64 14.06 3.94
N GLU A 350 2.50 14.69 4.15
CA GLU A 350 1.99 14.93 5.49
C GLU A 350 1.20 13.72 5.99
N MET A 351 0.89 13.75 7.28
CA MET A 351 0.07 12.66 7.81
C MET A 351 -1.40 13.01 7.68
N PRO A 352 -2.24 12.11 7.18
CA PRO A 352 -3.68 12.38 7.17
C PRO A 352 -4.30 12.27 8.55
N CYS A 353 -5.56 12.70 8.62
CA CYS A 353 -6.31 12.62 9.88
C CYS A 353 -6.87 11.22 10.09
N ASN A 354 -7.18 10.49 9.02
CA ASN A 354 -7.61 9.11 9.11
C ASN A 354 -6.61 8.28 8.32
N VAL A 355 -6.08 7.24 8.95
CA VAL A 355 -5.21 6.28 8.29
C VAL A 355 -5.72 4.88 8.58
N THR A 356 -5.74 4.01 7.57
CA THR A 356 -6.10 2.62 7.77
C THR A 356 -4.87 1.74 7.58
N ARG A 357 -4.46 1.05 8.64
CA ARG A 357 -3.35 0.11 8.61
C ARG A 357 -3.92 -1.29 8.79
N TYR A 358 -3.29 -2.29 8.19
CA TYR A 358 -3.68 -3.68 8.39
C TYR A 358 -2.56 -4.49 8.99
N GLY A 359 -2.67 -4.82 10.29
CA GLY A 359 -1.74 -5.77 10.86
C GLY A 359 -1.90 -7.13 10.19
N LYS A 360 -0.82 -7.89 10.13
CA LYS A 360 -0.91 -9.22 9.54
C LYS A 360 0.15 -10.16 10.10
N GLU A 361 -0.24 -11.44 10.17
CA GLU A 361 0.63 -12.52 10.60
C GLU A 361 0.58 -13.58 9.50
N LEU A 362 1.73 -13.90 8.92
CA LEU A 362 1.83 -14.86 7.83
C LEU A 362 2.28 -16.23 8.32
N SER A 363 2.06 -17.23 7.45
CA SER A 363 2.25 -18.64 7.81
C SER A 363 2.17 -19.48 6.55
N MET A 364 2.97 -20.55 6.48
CA MET A 364 3.02 -21.37 5.28
C MET A 364 2.84 -22.85 5.61
N VAL A 365 2.27 -23.59 4.65
CA VAL A 365 2.34 -25.03 4.58
C VAL A 365 2.71 -25.43 3.16
N LYS A 366 3.20 -26.66 3.00
CA LYS A 366 3.68 -27.07 1.69
C LYS A 366 2.51 -27.52 0.81
N ILE A 367 2.62 -27.25 -0.49
CA ILE A 367 1.68 -27.77 -1.48
C ILE A 367 2.47 -28.18 -2.72
N PRO A 368 2.16 -29.34 -3.34
CA PRO A 368 1.15 -30.29 -2.88
C PRO A 368 1.72 -31.38 -1.98
N SER A 369 0.83 -32.08 -1.28
CA SER A 369 1.25 -33.29 -0.60
C SER A 369 1.46 -34.40 -1.63
N LYS A 370 2.22 -35.42 -1.22
CA LYS A 370 2.38 -36.59 -2.09
C LYS A 370 1.03 -37.21 -2.42
N ALA A 371 0.12 -37.25 -1.44
CA ALA A 371 -1.18 -37.85 -1.64
C ALA A 371 -2.02 -37.11 -2.68
N SER A 372 -1.76 -35.81 -2.87
CA SER A 372 -2.61 -34.98 -3.72
C SER A 372 -1.92 -34.47 -4.99
N ALA A 373 -0.60 -34.64 -5.11
CA ALA A 373 0.11 -34.08 -6.26
C ALA A 373 -0.49 -34.60 -7.56
N LYS A 374 -0.71 -35.92 -7.65
CA LYS A 374 -1.21 -36.50 -8.89
C LYS A 374 -2.62 -36.00 -9.17
N TYR A 375 -3.41 -35.80 -8.12
CA TYR A 375 -4.77 -35.27 -8.27
C TYR A 375 -4.72 -33.90 -8.93
N LEU A 376 -3.97 -32.97 -8.32
CA LEU A 376 -3.91 -31.62 -8.88
C LEU A 376 -3.33 -31.62 -10.28
N ALA A 377 -2.27 -32.42 -10.50
CA ALA A 377 -1.69 -32.56 -11.83
C ALA A 377 -2.74 -32.98 -12.86
N LYS A 378 -3.53 -34.01 -12.56
CA LYS A 378 -4.58 -34.46 -13.47
C LYS A 378 -5.64 -33.38 -13.68
N LYS A 379 -6.12 -32.77 -12.59
CA LYS A 379 -7.22 -31.81 -12.68
C LYS A 379 -6.89 -30.64 -13.60
N TYR A 380 -5.65 -30.17 -13.63
CA TYR A 380 -5.31 -28.97 -14.38
C TYR A 380 -4.46 -29.26 -15.61
N ASN A 381 -4.34 -30.53 -16.03
CA ASN A 381 -3.62 -30.91 -17.24
C ASN A 381 -2.17 -30.46 -17.20
N LYS A 382 -1.51 -30.69 -16.07
CA LYS A 382 -0.17 -30.19 -15.85
C LYS A 382 0.70 -31.30 -15.24
N SER A 383 2.01 -31.13 -15.39
CA SER A 383 2.94 -32.08 -14.79
C SER A 383 2.92 -31.97 -13.27
N GLU A 384 3.33 -33.05 -12.60
CA GLU A 384 3.43 -33.02 -11.15
C GLU A 384 4.50 -32.02 -10.70
N GLN A 385 5.64 -32.01 -11.41
CA GLN A 385 6.70 -31.07 -11.05
C GLN A 385 6.21 -29.65 -11.26
N TYR A 386 5.47 -29.42 -12.35
CA TYR A 386 4.95 -28.09 -12.62
C TYR A 386 4.10 -27.65 -11.44
N ILE A 387 3.22 -28.54 -10.98
CA ILE A 387 2.37 -28.23 -9.84
C ILE A 387 3.22 -27.86 -8.64
N GLY A 388 4.37 -28.53 -8.50
CA GLY A 388 5.22 -28.27 -7.36
C GLY A 388 5.93 -26.94 -7.45
N GLU A 389 6.11 -26.43 -8.68
CA GLU A 389 6.91 -25.23 -8.91
C GLU A 389 6.08 -23.99 -9.18
N ASN A 390 4.78 -24.14 -9.47
CA ASN A 390 3.94 -23.02 -9.90
C ASN A 390 2.66 -22.80 -9.10
N ILE A 391 2.18 -23.76 -8.34
CA ILE A 391 0.87 -23.68 -7.70
C ILE A 391 0.99 -23.10 -6.30
N LEU A 392 -0.07 -22.39 -5.88
CA LEU A 392 0.04 -21.45 -4.77
C LEU A 392 -1.37 -21.17 -4.26
N VAL A 393 -1.57 -21.25 -2.95
CA VAL A 393 -2.87 -20.95 -2.34
C VAL A 393 -2.70 -19.85 -1.30
N LEU A 394 -3.63 -18.88 -1.34
CA LEU A 394 -3.57 -17.70 -0.49
C LEU A 394 -4.89 -17.53 0.26
N ASP A 395 -4.81 -17.50 1.59
CA ASP A 395 -5.95 -17.26 2.47
C ASP A 395 -5.76 -15.92 3.17
N ILE A 396 -6.73 -15.02 3.02
CA ILE A 396 -6.72 -13.70 3.63
C ILE A 396 -7.96 -13.57 4.50
N PHE A 397 -7.77 -13.29 5.78
CA PHE A 397 -8.87 -13.28 6.74
C PHE A 397 -8.43 -12.43 7.92
N PHE A 398 -9.30 -12.35 8.92
CA PHE A 398 -9.03 -11.58 10.12
C PHE A 398 -9.04 -12.51 11.32
N GLU A 399 -8.37 -12.09 12.40
CA GLU A 399 -8.37 -12.86 13.63
C GLU A 399 -9.65 -12.57 14.40
N ALA A 400 -9.76 -13.11 15.62
CA ALA A 400 -10.95 -12.84 16.42
C ALA A 400 -11.07 -11.36 16.75
N LEU A 401 -9.98 -10.77 17.25
CA LEU A 401 -9.91 -9.32 17.48
C LEU A 401 -9.56 -8.64 16.16
N ASN A 402 -10.58 -8.46 15.33
CA ASN A 402 -10.36 -8.09 13.94
C ASN A 402 -10.36 -6.59 13.69
N TYR A 403 -10.73 -5.76 14.67
CA TYR A 403 -10.85 -4.33 14.45
C TYR A 403 -10.16 -3.62 15.60
N GLU A 404 -9.34 -2.62 15.29
CA GLU A 404 -8.63 -1.88 16.33
C GLU A 404 -8.70 -0.39 16.06
N THR A 405 -9.01 0.39 17.10
CA THR A 405 -9.09 1.84 17.00
C THR A 405 -7.96 2.47 17.81
N ILE A 406 -7.22 3.40 17.18
CA ILE A 406 -6.18 4.17 17.85
C ILE A 406 -6.50 5.64 17.64
N GLU A 407 -7.31 6.23 18.52
CA GLU A 407 -7.79 7.59 18.36
C GLU A 407 -7.11 8.52 19.34
N GLN A 408 -6.51 9.60 18.85
CA GLN A 408 -5.92 10.59 19.74
C GLN A 408 -7.02 11.45 20.34
N LYS A 409 -6.96 11.66 21.66
CA LYS A 409 -7.96 12.46 22.35
C LYS A 409 -7.29 13.56 23.16
N LYS A 410 -7.97 14.71 23.23
CA LYS A 410 -7.47 15.85 23.96
C LYS A 410 -7.41 15.53 25.46
N ALA A 411 -6.31 15.93 26.11
CA ALA A 411 -6.06 15.51 27.47
C ALA A 411 -6.44 16.55 28.50
N TYR A 412 -6.45 17.84 28.12
CA TYR A 412 -6.78 18.92 29.04
C TYR A 412 -7.62 19.95 28.28
N GLU A 413 -8.94 19.76 28.32
CA GLU A 413 -9.83 20.74 27.71
C GLU A 413 -9.78 22.05 28.49
N VAL A 414 -10.16 23.13 27.80
CA VAL A 414 -10.14 24.45 28.44
C VAL A 414 -11.03 24.44 29.68
N ALA A 415 -12.20 23.81 29.61
CA ALA A 415 -13.10 23.78 30.76
C ALA A 415 -12.44 23.12 31.96
N GLY A 416 -11.69 22.03 31.76
CA GLY A 416 -11.05 21.39 32.88
C GLY A 416 -9.91 22.21 33.43
N LEU A 417 -9.33 23.05 32.57
CA LEU A 417 -8.29 23.97 33.02
C LEU A 417 -8.91 25.03 33.92
N LEU A 418 -10.00 25.65 33.47
CA LEU A 418 -10.68 26.66 34.26
C LEU A 418 -11.20 26.09 35.57
N GLY A 419 -11.76 24.89 35.55
CA GLY A 419 -12.21 24.26 36.77
C GLY A 419 -11.12 23.92 37.77
N ASP A 420 -9.90 23.70 37.26
CA ASP A 420 -8.70 23.34 38.04
C ASP A 420 -8.04 24.59 38.60
N ILE A 421 -7.80 25.58 37.74
CA ILE A 421 -7.21 26.81 38.22
C ILE A 421 -8.21 27.46 39.15
N GLY A 422 -9.48 27.12 38.95
CA GLY A 422 -10.53 27.55 39.85
C GLY A 422 -10.38 26.88 41.21
N GLY A 423 -10.29 25.54 41.26
CA GLY A 423 -10.09 24.96 42.57
C GLY A 423 -8.79 25.40 43.21
N GLN A 424 -7.89 25.96 42.40
CA GLN A 424 -6.65 26.46 42.96
C GLN A 424 -6.81 27.90 43.43
N MET A 425 -7.61 28.70 42.73
CA MET A 425 -7.84 30.07 43.17
C MET A 425 -8.59 30.02 44.50
N GLY A 426 -9.67 29.23 44.52
CA GLY A 426 -10.47 29.10 45.73
C GLY A 426 -9.72 28.48 46.88
N LEU A 427 -8.70 27.67 46.60
CA LEU A 427 -8.00 26.99 47.69
C LEU A 427 -7.20 27.96 48.54
N PHE A 428 -6.23 28.64 47.94
CA PHE A 428 -5.30 29.45 48.72
C PHE A 428 -5.85 30.81 49.18
N ILE A 429 -6.77 31.42 48.43
CA ILE A 429 -7.19 32.77 48.77
C ILE A 429 -8.71 32.95 48.66
N GLY A 430 -9.37 32.03 47.99
CA GLY A 430 -10.82 32.12 47.86
C GLY A 430 -11.29 33.32 47.07
N ALA A 431 -10.58 33.66 46.00
CA ALA A 431 -10.89 34.83 45.20
C ALA A 431 -11.81 34.46 44.04
N SER A 432 -12.21 35.47 43.26
CA SER A 432 -13.03 35.26 42.08
C SER A 432 -12.72 36.36 41.08
N ILE A 433 -13.24 36.21 39.86
CA ILE A 433 -13.00 37.22 38.85
C ILE A 433 -13.70 38.52 39.23
N LEU A 434 -14.84 38.42 39.91
CA LEU A 434 -15.52 39.62 40.39
C LEU A 434 -14.67 40.34 41.42
N THR A 435 -14.20 39.60 42.43
CA THR A 435 -13.34 40.16 43.47
C THR A 435 -12.14 40.91 42.88
N VAL A 436 -11.55 40.38 41.80
CA VAL A 436 -10.40 41.03 41.18
C VAL A 436 -10.83 42.22 40.34
N LEU A 437 -11.63 41.99 39.29
CA LEU A 437 -12.02 43.08 38.39
C LEU A 437 -12.63 44.24 39.17
N GLU A 438 -13.50 43.92 40.14
CA GLU A 438 -14.11 44.93 40.98
C GLU A 438 -13.07 45.58 41.88
N LEU A 439 -12.18 44.78 42.49
CA LEU A 439 -11.18 45.34 43.37
C LEU A 439 -10.03 45.98 42.61
N PHE A 440 -9.79 45.58 41.36
CA PHE A 440 -8.81 46.26 40.53
C PHE A 440 -9.25 47.67 40.15
N ASP A 441 -10.53 48.00 40.36
CA ASP A 441 -11.10 49.28 39.98
C ASP A 441 -11.38 50.16 41.19
N TYR A 442 -12.22 49.69 42.11
CA TYR A 442 -12.81 50.54 43.14
C TYR A 442 -11.81 50.79 44.27
#